data_4PAW
#
_entry.id   4PAW
#
_cell.length_a   69.060
_cell.length_b   69.060
_cell.length_c   192.000
_cell.angle_alpha   90.00
_cell.angle_beta   90.00
_cell.angle_gamma   90.00
#
_symmetry.space_group_name_H-M   'P 41 21 2'
#
loop_
_entity.id
_entity.type
_entity.pdbx_description
1 polymer 'Orotate phosphoribosyltransferase'
2 non-polymer 'ZINC ION'
3 non-polymer 'PHOSPHATE ION'
4 non-polymer 'THIOCYANATE ION'
5 water water
#
_entity_poly.entity_id   1
_entity_poly.type   'polypeptide(L)'
_entity_poly.pdbx_seq_one_letter_code
;MGSSHHHHHHSSGRENLYFQGHMDIKACYQNAKALLEGHFLLSSGFHSNYYLQSAKVLEDPKLAEQLALELAKQIQEAHL
NIECVCSPAIGGILAGYELARALGVRFIFTERVDNTMALRRGFEVKKNEKILVCEDIITTGKSAMECAKVLEEKGAQIVA
FGALANRGICKRAHSHLKAQEGACLPSHLPLFALEDFVFDMHKPSSCPLCATSVAIKPGSRGNGS
;
_entity_poly.pdbx_strand_id   A,B
#
loop_
_chem_comp.id
_chem_comp.type
_chem_comp.name
_chem_comp.formula
PO4 non-polymer 'PHOSPHATE ION' 'O4 P -3'
SCN non-polymer 'THIOCYANATE ION' 'C N S -1'
ZN non-polymer 'ZINC ION' 'Zn 2'
#
# COMPACT_ATOMS: atom_id res chain seq x y z
N HIS A 22 -5.21 -18.57 18.20
CA HIS A 22 -3.87 -19.15 18.16
C HIS A 22 -2.80 -18.08 18.45
N MET A 23 -2.75 -17.01 17.64
CA MET A 23 -1.81 -15.90 17.81
C MET A 23 -2.35 -15.00 18.92
N ASP A 24 -1.46 -14.49 19.80
CA ASP A 24 -1.87 -13.61 20.89
C ASP A 24 -1.83 -12.22 20.33
N ILE A 25 -3.01 -11.78 19.85
CA ILE A 25 -3.20 -10.50 19.18
C ILE A 25 -2.83 -9.29 20.03
N LYS A 26 -3.39 -9.20 21.23
CA LYS A 26 -3.14 -8.09 22.14
C LYS A 26 -1.67 -7.97 22.53
N ALA A 27 -1.02 -9.12 22.83
CA ALA A 27 0.41 -9.14 23.12
C ALA A 27 1.23 -8.66 21.90
N CYS A 28 0.85 -9.08 20.67
CA CYS A 28 1.54 -8.63 19.46
C CYS A 28 1.54 -7.10 19.36
N TYR A 29 0.34 -6.48 19.49
CA TYR A 29 0.14 -5.01 19.41
C TYR A 29 0.83 -4.27 20.56
N GLN A 30 0.81 -4.86 21.76
CA GLN A 30 1.48 -4.30 22.93
C GLN A 30 3.01 -4.35 22.78
N ASN A 31 3.58 -5.52 22.37
CA ASN A 31 5.02 -5.67 22.16
C ASN A 31 5.55 -4.75 21.09
N ALA A 32 4.71 -4.48 20.06
CA ALA A 32 5.03 -3.59 18.93
C ALA A 32 4.88 -2.13 19.32
N LYS A 33 4.43 -1.84 20.57
CA LYS A 33 4.17 -0.50 21.09
C LYS A 33 3.11 0.21 20.19
N ALA A 34 2.14 -0.57 19.64
CA ALA A 34 1.08 -0.06 18.76
C ALA A 34 -0.06 0.53 19.58
N LEU A 35 -0.03 0.32 20.89
CA LEU A 35 -1.06 0.75 21.83
C LEU A 35 -0.61 2.01 22.58
N LEU A 36 -1.11 3.21 22.18
CA LEU A 36 -0.73 4.44 22.88
C LEU A 36 -1.73 4.76 23.95
N GLU A 37 -1.22 5.02 25.17
CA GLU A 37 -1.99 5.40 26.34
C GLU A 37 -1.82 6.91 26.53
N GLY A 38 -2.92 7.59 26.81
CA GLY A 38 -2.95 9.03 27.02
C GLY A 38 -4.34 9.61 27.04
N HIS A 39 -4.54 10.69 26.27
CA HIS A 39 -5.80 11.41 26.22
C HIS A 39 -5.97 11.88 24.80
N PHE A 40 -6.78 11.14 24.05
CA PHE A 40 -6.94 11.38 22.62
C PHE A 40 -8.33 11.76 22.18
N LEU A 41 -8.42 12.71 21.22
CA LEU A 41 -9.68 13.10 20.58
C LEU A 41 -9.74 12.31 19.29
N LEU A 42 -10.66 11.34 19.23
CA LEU A 42 -10.78 10.47 18.06
C LEU A 42 -11.62 11.10 16.95
N SER A 43 -11.62 10.48 15.75
CA SER A 43 -12.37 10.93 14.56
C SER A 43 -13.89 10.87 14.78
N SER A 44 -14.35 10.09 15.77
CA SER A 44 -15.78 10.01 16.14
C SER A 44 -16.21 11.23 17.02
N GLY A 45 -15.25 12.04 17.44
CA GLY A 45 -15.47 13.17 18.32
C GLY A 45 -15.38 12.78 19.80
N PHE A 46 -15.25 11.48 20.07
CA PHE A 46 -15.15 10.96 21.42
C PHE A 46 -13.73 11.02 21.91
N HIS A 47 -13.57 11.11 23.24
CA HIS A 47 -12.25 11.10 23.86
C HIS A 47 -11.96 9.69 24.35
N SER A 48 -10.70 9.26 24.25
CA SER A 48 -10.30 7.94 24.69
C SER A 48 -8.95 8.01 25.43
N ASN A 49 -8.70 7.03 26.30
CA ASN A 49 -7.47 6.90 27.07
C ASN A 49 -6.41 6.09 26.27
N TYR A 50 -6.82 5.56 25.11
CA TYR A 50 -5.95 4.80 24.22
C TYR A 50 -6.16 5.11 22.77
N TYR A 51 -5.13 4.82 21.95
CA TYR A 51 -5.14 4.95 20.49
C TYR A 51 -4.30 3.82 19.85
N LEU A 52 -4.72 3.29 18.67
CA LEU A 52 -3.93 2.24 18.02
C LEU A 52 -3.15 2.71 16.80
N GLN A 53 -1.85 2.46 16.81
CA GLN A 53 -0.95 2.81 15.72
C GLN A 53 -0.59 1.52 15.00
N SER A 54 -1.48 1.03 14.12
CA SER A 54 -1.34 -0.22 13.37
C SER A 54 -0.10 -0.31 12.52
N ALA A 55 0.43 0.84 12.06
CA ALA A 55 1.63 0.90 11.24
C ALA A 55 2.82 0.32 11.96
N LYS A 56 2.79 0.36 13.32
CA LYS A 56 3.84 -0.18 14.17
C LYS A 56 3.91 -1.72 14.12
N VAL A 57 2.80 -2.36 13.74
CA VAL A 57 2.74 -3.81 13.57
C VAL A 57 3.05 -4.14 12.10
N LEU A 58 2.44 -3.40 11.16
CA LEU A 58 2.56 -3.60 9.72
C LEU A 58 3.94 -3.27 9.15
N GLU A 59 4.76 -2.61 9.96
CA GLU A 59 6.16 -2.28 9.68
C GLU A 59 6.89 -3.64 9.48
N ASP A 60 6.38 -4.70 10.11
CA ASP A 60 6.98 -6.02 10.04
C ASP A 60 6.20 -7.00 9.15
N PRO A 61 6.69 -7.30 7.91
CA PRO A 61 5.97 -8.25 7.03
C PRO A 61 5.71 -9.63 7.64
N LYS A 62 6.59 -10.10 8.56
CA LYS A 62 6.41 -11.40 9.21
C LYS A 62 5.20 -11.36 10.12
N LEU A 63 5.04 -10.28 10.95
CA LEU A 63 3.88 -10.09 11.82
C LEU A 63 2.62 -9.94 10.99
N ALA A 64 2.67 -9.08 9.96
CA ALA A 64 1.54 -8.83 9.07
C ALA A 64 1.03 -10.14 8.43
N GLU A 65 1.96 -10.97 7.90
CA GLU A 65 1.57 -12.25 7.30
C GLU A 65 0.88 -13.17 8.31
N GLN A 66 1.49 -13.36 9.48
CA GLN A 66 0.92 -14.21 10.52
C GLN A 66 -0.49 -13.74 10.93
N LEU A 67 -0.71 -12.43 11.07
CA LEU A 67 -2.02 -11.89 11.43
C LEU A 67 -3.03 -12.11 10.29
N ALA A 68 -2.61 -11.90 9.04
CA ALA A 68 -3.44 -12.09 7.85
C ALA A 68 -3.84 -13.56 7.68
N LEU A 69 -2.91 -14.49 7.97
CA LEU A 69 -3.20 -15.93 7.88
C LEU A 69 -4.28 -16.33 8.89
N GLU A 70 -4.16 -15.78 10.10
CA GLU A 70 -5.12 -15.97 11.18
C GLU A 70 -6.50 -15.38 10.76
N LEU A 71 -6.51 -14.16 10.16
CA LEU A 71 -7.75 -13.52 9.66
C LEU A 71 -8.42 -14.33 8.56
N ALA A 72 -7.63 -14.83 7.60
CA ALA A 72 -8.08 -15.67 6.48
C ALA A 72 -8.85 -16.90 6.94
N LYS A 73 -8.41 -17.57 8.06
CA LYS A 73 -9.07 -18.75 8.64
C LYS A 73 -10.55 -18.48 8.93
N GLN A 74 -10.85 -17.29 9.49
CA GLN A 74 -12.20 -16.88 9.83
C GLN A 74 -13.03 -16.68 8.56
N ILE A 75 -12.43 -15.99 7.58
CA ILE A 75 -13.09 -15.66 6.33
C ILE A 75 -13.46 -16.92 5.55
N GLN A 76 -12.51 -17.86 5.43
CA GLN A 76 -12.69 -19.13 4.74
C GLN A 76 -13.78 -20.01 5.35
N GLU A 77 -13.94 -19.99 6.70
CA GLU A 77 -14.98 -20.74 7.43
C GLU A 77 -16.36 -20.26 6.98
N ALA A 78 -16.46 -18.97 6.61
CA ALA A 78 -17.73 -18.39 6.18
C ALA A 78 -18.17 -18.79 4.77
N HIS A 79 -17.25 -19.30 3.90
CA HIS A 79 -17.56 -19.74 2.53
C HIS A 79 -18.25 -18.64 1.70
N LEU A 80 -17.63 -17.46 1.64
CA LEU A 80 -18.17 -16.30 0.94
C LEU A 80 -17.74 -16.14 -0.52
N ASN A 81 -16.79 -16.97 -0.99
CA ASN A 81 -16.27 -16.94 -2.37
C ASN A 81 -15.74 -15.57 -2.79
N ILE A 82 -14.90 -14.96 -1.93
CA ILE A 82 -14.23 -13.68 -2.17
C ILE A 82 -13.36 -13.87 -3.41
N GLU A 83 -13.44 -12.91 -4.35
CA GLU A 83 -12.65 -12.93 -5.58
C GLU A 83 -11.58 -11.85 -5.56
N CYS A 84 -11.72 -10.87 -4.65
CA CYS A 84 -10.83 -9.71 -4.60
C CYS A 84 -10.92 -9.08 -3.23
N VAL A 85 -9.78 -8.56 -2.76
CA VAL A 85 -9.70 -7.80 -1.53
C VAL A 85 -9.46 -6.35 -1.97
N CYS A 86 -10.23 -5.42 -1.42
CA CYS A 86 -9.98 -4.01 -1.69
C CYS A 86 -9.79 -3.28 -0.39
N SER A 87 -8.86 -2.32 -0.36
CA SER A 87 -8.62 -1.51 0.81
C SER A 87 -8.64 -0.03 0.50
N PRO A 88 -9.11 0.83 1.42
CA PRO A 88 -8.94 2.28 1.19
C PRO A 88 -7.49 2.67 1.55
N ALA A 89 -6.81 3.41 0.68
CA ALA A 89 -5.46 3.89 0.97
C ALA A 89 -5.52 4.90 2.17
N ILE A 90 -4.46 5.07 2.98
CA ILE A 90 -3.12 4.49 2.87
C ILE A 90 -2.94 3.35 3.86
N GLY A 91 -3.44 3.54 5.10
CA GLY A 91 -3.32 2.60 6.21
C GLY A 91 -3.85 1.19 6.01
N GLY A 92 -4.96 1.08 5.31
CA GLY A 92 -5.56 -0.22 5.04
C GLY A 92 -4.85 -1.07 4.00
N ILE A 93 -3.94 -0.44 3.21
CA ILE A 93 -3.23 -1.12 2.12
C ILE A 93 -2.50 -2.44 2.50
N LEU A 94 -1.56 -2.38 3.44
CA LEU A 94 -0.75 -3.54 3.82
C LEU A 94 -1.56 -4.71 4.39
N ALA A 95 -2.55 -4.39 5.23
CA ALA A 95 -3.42 -5.39 5.83
C ALA A 95 -4.23 -6.13 4.75
N GLY A 96 -4.82 -5.35 3.83
CA GLY A 96 -5.63 -5.88 2.74
C GLY A 96 -4.79 -6.69 1.77
N TYR A 97 -3.57 -6.21 1.51
CA TYR A 97 -2.65 -6.89 0.61
C TYR A 97 -2.23 -8.26 1.18
N GLU A 98 -1.81 -8.30 2.46
CA GLU A 98 -1.46 -9.59 3.09
C GLU A 98 -2.68 -10.53 3.19
N LEU A 99 -3.89 -9.96 3.38
CA LEU A 99 -5.10 -10.76 3.44
C LEU A 99 -5.37 -11.40 2.08
N ALA A 100 -5.19 -10.64 1.00
CA ALA A 100 -5.40 -11.13 -0.37
C ALA A 100 -4.42 -12.28 -0.64
N ARG A 101 -3.15 -12.13 -0.16
CA ARG A 101 -2.15 -13.17 -0.32
C ARG A 101 -2.61 -14.42 0.43
N ALA A 102 -3.00 -14.24 1.70
CA ALA A 102 -3.50 -15.33 2.56
C ALA A 102 -4.74 -16.05 1.96
N LEU A 103 -5.64 -15.31 1.28
CA LEU A 103 -6.84 -15.86 0.64
C LEU A 103 -6.60 -16.43 -0.76
N GLY A 104 -5.47 -16.07 -1.37
CA GLY A 104 -5.12 -16.48 -2.72
C GLY A 104 -5.91 -15.74 -3.78
N VAL A 105 -6.29 -14.48 -3.48
CA VAL A 105 -7.05 -13.63 -4.39
C VAL A 105 -6.29 -12.35 -4.78
N ARG A 106 -6.91 -11.57 -5.70
CA ARG A 106 -6.30 -10.33 -6.18
C ARG A 106 -6.49 -9.19 -5.18
N PHE A 107 -5.64 -8.19 -5.24
CA PHE A 107 -5.74 -7.04 -4.37
C PHE A 107 -5.79 -5.73 -5.15
N ILE A 108 -6.74 -4.85 -4.79
CA ILE A 108 -6.84 -3.52 -5.38
C ILE A 108 -7.02 -2.53 -4.24
N PHE A 109 -6.82 -1.24 -4.50
CA PHE A 109 -7.03 -0.26 -3.46
C PHE A 109 -7.64 1.01 -4.02
N THR A 110 -8.45 1.72 -3.19
CA THR A 110 -9.01 3.01 -3.56
C THR A 110 -8.14 4.10 -2.93
N GLU A 111 -8.21 5.32 -3.44
CA GLU A 111 -7.41 6.42 -2.91
C GLU A 111 -8.16 7.72 -3.04
N ARG A 112 -7.79 8.73 -2.24
CA ARG A 112 -8.43 10.03 -2.27
C ARG A 112 -7.82 10.89 -3.38
N VAL A 113 -8.66 11.25 -4.35
CA VAL A 113 -8.34 12.10 -5.49
C VAL A 113 -9.31 13.27 -5.38
N ASP A 114 -8.77 14.49 -5.24
CA ASP A 114 -9.51 15.76 -5.08
C ASP A 114 -10.49 15.69 -3.88
N ASN A 115 -9.98 15.14 -2.76
CA ASN A 115 -10.66 14.90 -1.47
C ASN A 115 -11.82 13.88 -1.52
N THR A 116 -11.93 13.09 -2.63
CA THR A 116 -12.98 12.08 -2.79
C THR A 116 -12.37 10.72 -3.09
N MET A 117 -12.91 9.65 -2.48
CA MET A 117 -12.45 8.29 -2.71
C MET A 117 -12.69 7.90 -4.17
N ALA A 118 -11.69 7.29 -4.79
CA ALA A 118 -11.79 6.86 -6.18
C ALA A 118 -10.93 5.63 -6.44
N LEU A 119 -11.23 4.88 -7.50
CA LEU A 119 -10.43 3.73 -7.92
C LEU A 119 -9.56 4.21 -9.11
N ARG A 120 -8.23 4.22 -8.92
CA ARG A 120 -7.30 4.69 -9.96
C ARG A 120 -6.32 3.55 -10.31
N ARG A 121 -5.09 3.89 -10.77
CA ARG A 121 -3.98 2.97 -11.09
C ARG A 121 -4.30 1.92 -12.16
N GLY A 122 -5.37 2.15 -12.91
CA GLY A 122 -5.82 1.20 -13.91
C GLY A 122 -6.60 0.05 -13.30
N PHE A 123 -6.89 0.10 -11.97
CA PHE A 123 -7.66 -0.96 -11.30
C PHE A 123 -9.05 -1.00 -11.85
N GLU A 124 -9.53 -2.20 -12.14
CA GLU A 124 -10.88 -2.40 -12.66
C GLU A 124 -11.56 -3.48 -11.88
N VAL A 125 -12.88 -3.41 -11.84
CA VAL A 125 -13.79 -4.30 -11.15
C VAL A 125 -14.69 -4.98 -12.21
N LYS A 126 -14.89 -6.31 -12.11
CA LYS A 126 -15.82 -6.93 -13.05
C LYS A 126 -17.21 -6.83 -12.44
N LYS A 127 -18.25 -6.87 -13.30
CA LYS A 127 -19.61 -6.81 -12.80
C LYS A 127 -19.86 -8.01 -11.87
N ASN A 128 -20.43 -7.72 -10.68
CA ASN A 128 -20.78 -8.69 -9.66
C ASN A 128 -19.57 -9.39 -9.02
N GLU A 129 -18.35 -8.83 -9.17
CA GLU A 129 -17.15 -9.37 -8.53
C GLU A 129 -17.38 -9.30 -7.03
N LYS A 130 -17.13 -10.43 -6.34
CA LYS A 130 -17.31 -10.58 -4.90
C LYS A 130 -16.10 -10.03 -4.18
N ILE A 131 -16.27 -8.88 -3.54
CA ILE A 131 -15.16 -8.17 -2.90
C ILE A 131 -15.30 -8.05 -1.39
N LEU A 132 -14.19 -8.29 -0.67
CA LEU A 132 -14.10 -8.07 0.76
C LEU A 132 -13.33 -6.74 0.89
N VAL A 133 -13.89 -5.78 1.64
CA VAL A 133 -13.28 -4.47 1.89
C VAL A 133 -12.48 -4.60 3.20
N CYS A 134 -11.15 -4.50 3.10
CA CYS A 134 -10.28 -4.72 4.26
C CYS A 134 -9.61 -3.42 4.72
N GLU A 135 -9.51 -3.23 6.02
CA GLU A 135 -8.81 -2.08 6.60
C GLU A 135 -7.79 -2.66 7.57
N ASP A 136 -6.87 -1.83 8.07
CA ASP A 136 -5.89 -2.28 9.07
C ASP A 136 -6.64 -2.32 10.39
N ILE A 137 -7.44 -1.27 10.67
CA ILE A 137 -8.26 -1.15 11.86
C ILE A 137 -9.61 -0.52 11.50
N ILE A 138 -10.70 -1.07 12.04
CA ILE A 138 -12.02 -0.49 11.87
C ILE A 138 -12.35 0.21 13.16
N THR A 139 -12.70 1.49 13.06
CA THR A 139 -13.15 2.31 14.16
C THR A 139 -14.66 2.43 13.90
N THR A 140 -15.09 3.47 13.16
CA THR A 140 -16.50 3.67 12.80
C THR A 140 -16.88 2.88 11.55
N GLY A 141 -15.93 2.60 10.68
CA GLY A 141 -16.17 1.93 9.41
C GLY A 141 -16.45 2.90 8.28
N LYS A 142 -16.30 4.21 8.54
CA LYS A 142 -16.55 5.30 7.60
C LYS A 142 -15.72 5.19 6.29
N SER A 143 -14.37 5.07 6.39
CA SER A 143 -13.51 4.93 5.22
C SER A 143 -13.79 3.66 4.43
N ALA A 144 -14.09 2.55 5.14
CA ALA A 144 -14.43 1.25 4.55
C ALA A 144 -15.72 1.37 3.73
N MET A 145 -16.68 2.18 4.24
CA MET A 145 -17.95 2.45 3.58
C MET A 145 -17.78 3.29 2.35
N GLU A 146 -16.89 4.31 2.39
CA GLU A 146 -16.59 5.15 1.22
C GLU A 146 -15.92 4.27 0.15
N CYS A 147 -15.05 3.35 0.58
CA CYS A 147 -14.39 2.44 -0.33
C CYS A 147 -15.44 1.52 -1.01
N ALA A 148 -16.35 0.91 -0.20
CA ALA A 148 -17.41 0.01 -0.68
C ALA A 148 -18.36 0.69 -1.69
N LYS A 149 -18.71 1.97 -1.46
CA LYS A 149 -19.58 2.75 -2.34
C LYS A 149 -18.93 2.92 -3.71
N VAL A 150 -17.63 3.23 -3.76
CA VAL A 150 -16.87 3.38 -5.00
C VAL A 150 -16.98 2.08 -5.82
N LEU A 151 -16.75 0.94 -5.15
CA LEU A 151 -16.77 -0.38 -5.77
C LEU A 151 -18.16 -0.78 -6.24
N GLU A 152 -19.21 -0.54 -5.44
CA GLU A 152 -20.60 -0.86 -5.76
C GLU A 152 -21.07 -0.10 -7.01
N GLU A 153 -20.67 1.18 -7.14
CA GLU A 153 -20.98 2.04 -8.27
C GLU A 153 -20.33 1.54 -9.56
N LYS A 154 -19.26 0.73 -9.41
CA LYS A 154 -18.54 0.09 -10.51
C LYS A 154 -19.09 -1.31 -10.84
N GLY A 155 -20.15 -1.72 -10.13
CA GLY A 155 -20.82 -3.00 -10.35
C GLY A 155 -20.45 -4.15 -9.43
N ALA A 156 -19.50 -3.94 -8.52
CA ALA A 156 -19.04 -4.99 -7.59
C ALA A 156 -20.07 -5.34 -6.50
N GLN A 157 -20.00 -6.57 -5.99
CA GLN A 157 -20.82 -7.01 -4.87
C GLN A 157 -19.92 -7.07 -3.63
N ILE A 158 -20.24 -6.25 -2.62
CA ILE A 158 -19.52 -6.25 -1.35
C ILE A 158 -20.09 -7.38 -0.51
N VAL A 159 -19.28 -8.41 -0.23
CA VAL A 159 -19.76 -9.56 0.53
C VAL A 159 -19.36 -9.55 2.01
N ALA A 160 -18.32 -8.76 2.35
CA ALA A 160 -17.82 -8.69 3.72
C ALA A 160 -16.86 -7.55 3.89
N PHE A 161 -16.54 -7.28 5.15
CA PHE A 161 -15.58 -6.32 5.62
C PHE A 161 -14.60 -7.09 6.47
N GLY A 162 -13.37 -6.63 6.45
CA GLY A 162 -12.33 -7.26 7.22
C GLY A 162 -11.39 -6.23 7.81
N ALA A 163 -10.74 -6.59 8.89
CA ALA A 163 -9.74 -5.74 9.54
C ALA A 163 -8.92 -6.59 10.45
N LEU A 164 -7.70 -6.18 10.73
CA LEU A 164 -6.91 -6.93 11.68
C LEU A 164 -7.45 -6.65 13.08
N ALA A 165 -7.75 -5.39 13.37
CA ALA A 165 -8.26 -4.98 14.67
C ALA A 165 -9.55 -4.25 14.55
N ASN A 166 -10.41 -4.41 15.55
CA ASN A 166 -11.70 -3.71 15.63
C ASN A 166 -11.72 -2.90 16.93
N ARG A 167 -12.33 -1.71 16.89
CA ARG A 167 -12.42 -0.83 18.05
C ARG A 167 -13.66 -1.05 18.92
N GLY A 168 -14.44 -2.11 18.66
CA GLY A 168 -15.65 -2.38 19.41
C GLY A 168 -16.78 -1.39 19.19
N ILE A 169 -16.71 -0.59 18.07
CA ILE A 169 -17.72 0.39 17.68
C ILE A 169 -18.65 -0.36 16.74
N CYS A 170 -18.08 -1.02 15.71
CA CYS A 170 -18.79 -1.90 14.79
C CYS A 170 -18.72 -3.28 15.44
N LYS A 171 -19.75 -4.11 15.25
CA LYS A 171 -19.71 -5.47 15.79
C LYS A 171 -19.01 -6.40 14.76
N ARG A 172 -18.01 -7.15 15.20
CA ARG A 172 -17.38 -8.13 14.32
C ARG A 172 -18.07 -9.48 14.52
N ALA A 173 -17.93 -10.39 13.55
CA ALA A 173 -18.49 -11.75 13.65
C ALA A 173 -17.75 -12.51 14.79
N HIS A 174 -18.44 -13.51 15.40
CA HIS A 174 -17.88 -14.34 16.47
C HIS A 174 -17.57 -13.61 17.81
N SER A 175 -18.07 -12.38 17.99
CA SER A 175 -17.86 -11.66 19.24
C SER A 175 -19.17 -11.47 20.00
N HIS A 176 -19.10 -11.36 21.33
CA HIS A 176 -20.31 -11.16 22.15
C HIS A 176 -20.53 -9.67 22.46
N LEU A 177 -19.80 -8.78 21.79
CA LEU A 177 -19.96 -7.34 21.97
C LEU A 177 -21.08 -6.83 21.08
N LYS A 178 -21.64 -5.66 21.42
CA LYS A 178 -22.70 -5.03 20.66
C LYS A 178 -22.14 -3.82 19.89
N ALA A 179 -22.72 -3.52 18.72
CA ALA A 179 -22.33 -2.34 17.94
C ALA A 179 -22.73 -1.09 18.73
N GLN A 180 -21.94 -0.04 18.65
CA GLN A 180 -22.15 1.21 19.38
C GLN A 180 -22.58 2.37 18.48
N GLU A 181 -22.77 3.56 19.10
CA GLU A 181 -23.04 4.86 18.49
C GLU A 181 -21.82 5.14 17.59
N GLY A 182 -22.11 5.62 16.42
CA GLY A 182 -21.04 5.93 15.48
C GLY A 182 -20.70 4.83 14.49
N ALA A 183 -21.19 3.58 14.70
CA ALA A 183 -20.96 2.48 13.77
C ALA A 183 -21.54 2.79 12.35
N CYS A 184 -20.72 2.65 11.29
CA CYS A 184 -21.11 2.99 9.90
C CYS A 184 -21.30 1.77 9.01
N LEU A 185 -20.83 0.61 9.46
CA LEU A 185 -20.93 -0.61 8.65
C LEU A 185 -22.35 -1.14 8.62
N PRO A 186 -22.82 -1.77 7.50
CA PRO A 186 -24.20 -2.28 7.49
C PRO A 186 -24.35 -3.54 8.33
N SER A 187 -25.53 -3.74 8.86
CA SER A 187 -25.87 -4.88 9.73
C SER A 187 -26.00 -6.21 8.98
N HIS A 188 -26.25 -6.17 7.65
CA HIS A 188 -26.48 -7.37 6.85
C HIS A 188 -25.21 -8.01 6.29
N LEU A 189 -24.07 -7.31 6.41
CA LEU A 189 -22.81 -7.84 5.91
C LEU A 189 -21.86 -8.14 7.05
N PRO A 190 -21.15 -9.29 7.02
CA PRO A 190 -20.24 -9.59 8.15
C PRO A 190 -18.95 -8.77 8.16
N LEU A 191 -18.46 -8.50 9.39
CA LEU A 191 -17.16 -7.88 9.58
C LEU A 191 -16.31 -8.94 10.28
N PHE A 192 -15.18 -9.27 9.69
CA PHE A 192 -14.26 -10.23 10.28
C PHE A 192 -13.03 -9.47 10.76
N ALA A 193 -12.72 -9.57 12.06
CA ALA A 193 -11.54 -8.95 12.67
C ALA A 193 -10.91 -9.93 13.69
N LEU A 194 -9.61 -9.79 13.96
CA LEU A 194 -8.93 -10.70 14.88
C LEU A 194 -9.26 -10.50 16.33
N GLU A 195 -9.51 -9.24 16.71
CA GLU A 195 -9.71 -8.89 18.09
C GLU A 195 -10.45 -7.57 18.19
N ASP A 196 -11.07 -7.34 19.36
CA ASP A 196 -11.73 -6.08 19.68
C ASP A 196 -10.85 -5.37 20.69
N PHE A 197 -10.55 -4.10 20.39
CA PHE A 197 -9.73 -3.25 21.26
C PHE A 197 -10.69 -2.21 21.78
N VAL A 198 -11.33 -2.55 22.87
CA VAL A 198 -12.35 -1.70 23.45
C VAL A 198 -11.70 -0.79 24.45
N PHE A 199 -11.73 0.49 24.16
CA PHE A 199 -11.17 1.47 25.06
C PHE A 199 -12.27 2.34 25.65
N ASP A 200 -11.95 3.05 26.72
CA ASP A 200 -12.91 3.99 27.29
C ASP A 200 -13.24 5.02 26.23
N MET A 201 -14.51 5.28 26.06
CA MET A 201 -15.03 6.23 25.09
C MET A 201 -15.84 7.24 25.89
N HIS A 202 -15.41 8.50 25.91
CA HIS A 202 -16.10 9.52 26.68
C HIS A 202 -16.60 10.60 25.76
N LYS A 203 -17.79 11.12 26.07
CA LYS A 203 -18.39 12.26 25.37
C LYS A 203 -17.49 13.46 25.79
N PRO A 204 -17.16 14.45 24.90
CA PRO A 204 -16.21 15.52 25.31
C PRO A 204 -16.64 16.36 26.53
N SER A 205 -17.94 16.60 26.65
CA SER A 205 -18.51 17.38 27.76
C SER A 205 -18.60 16.58 29.06
N SER A 206 -18.31 15.26 28.99
CA SER A 206 -18.37 14.32 30.12
C SER A 206 -17.08 13.46 30.18
N CYS A 207 -15.90 14.04 29.84
CA CYS A 207 -14.63 13.30 29.87
C CYS A 207 -13.84 13.48 31.17
N PRO A 208 -13.63 12.37 31.92
CA PRO A 208 -12.86 12.46 33.17
C PRO A 208 -11.39 12.80 32.95
N LEU A 209 -10.82 12.50 31.75
CA LEU A 209 -9.41 12.80 31.43
C LEU A 209 -9.20 14.31 31.25
N CYS A 210 -10.23 15.04 30.75
CA CYS A 210 -10.23 16.49 30.53
C CYS A 210 -9.96 17.33 31.78
N ALA A 211 -10.19 16.76 32.97
CA ALA A 211 -9.93 17.39 34.27
C ALA A 211 -8.42 17.56 34.53
N THR A 212 -7.60 16.64 34.00
CA THR A 212 -6.15 16.59 34.20
C THR A 212 -5.28 17.01 33.00
N SER A 213 -5.77 16.82 31.76
CA SER A 213 -4.99 17.12 30.54
C SER A 213 -5.84 17.55 29.35
N VAL A 214 -5.18 18.03 28.28
CA VAL A 214 -5.82 18.45 27.04
C VAL A 214 -5.80 17.27 26.07
N ALA A 215 -6.95 16.98 25.42
CA ALA A 215 -7.14 15.91 24.44
C ALA A 215 -6.56 16.38 23.10
N ILE A 216 -5.65 15.57 22.54
CA ILE A 216 -5.00 15.83 21.24
C ILE A 216 -5.41 14.83 20.19
N LYS A 217 -5.53 15.29 18.92
CA LYS A 217 -5.90 14.45 17.78
C LYS A 217 -4.71 13.55 17.37
N PRO A 218 -4.85 12.19 17.44
CA PRO A 218 -3.71 11.32 17.07
C PRO A 218 -3.66 10.99 15.58
N MET B 23 13.56 -15.40 -15.01
CA MET B 23 12.26 -14.80 -15.41
C MET B 23 12.41 -13.87 -16.61
N ASP B 24 11.51 -14.01 -17.63
CA ASP B 24 11.43 -13.11 -18.78
C ASP B 24 10.51 -11.96 -18.29
N ILE B 25 11.12 -10.81 -17.89
CA ILE B 25 10.40 -9.69 -17.29
C ILE B 25 9.32 -9.09 -18.17
N LYS B 26 9.66 -8.73 -19.42
CA LYS B 26 8.74 -8.12 -20.37
C LYS B 26 7.57 -9.04 -20.67
N ALA B 27 7.82 -10.36 -20.89
CA ALA B 27 6.76 -11.36 -21.09
C ALA B 27 5.85 -11.46 -19.87
N CYS B 28 6.43 -11.46 -18.68
N CYS B 28 6.43 -11.44 -18.64
CA CYS B 28 5.72 -11.49 -17.43
CA CYS B 28 5.65 -11.46 -17.38
C CYS B 28 4.73 -10.29 -17.28
C CYS B 28 4.68 -10.27 -17.30
N TYR B 29 5.19 -9.04 -17.54
CA TYR B 29 4.37 -7.81 -17.52
C TYR B 29 3.31 -7.82 -18.64
N GLN B 30 3.66 -8.36 -19.81
CA GLN B 30 2.73 -8.48 -20.95
C GLN B 30 1.63 -9.50 -20.64
N ASN B 31 1.99 -10.70 -20.11
CA ASN B 31 1.03 -11.74 -19.76
C ASN B 31 0.07 -11.29 -18.67
N ALA B 32 0.56 -10.43 -17.75
CA ALA B 32 -0.22 -9.86 -16.65
C ALA B 32 -1.08 -8.69 -17.13
N LYS B 33 -0.94 -8.27 -18.43
CA LYS B 33 -1.65 -7.12 -19.03
C LYS B 33 -1.22 -5.80 -18.35
N ALA B 34 -0.02 -5.79 -17.75
CA ALA B 34 0.56 -4.58 -17.17
C ALA B 34 1.31 -3.85 -18.32
N LEU B 35 1.84 -4.60 -19.30
CA LEU B 35 2.53 -4.00 -20.43
C LEU B 35 1.75 -4.30 -21.68
N LEU B 36 1.29 -3.25 -22.34
CA LEU B 36 0.48 -3.34 -23.54
C LEU B 36 1.21 -2.80 -24.75
N GLU B 37 1.13 -3.52 -25.87
CA GLU B 37 1.72 -3.16 -27.15
C GLU B 37 0.60 -2.67 -28.08
N GLY B 38 0.87 -1.59 -28.81
CA GLY B 38 -0.10 -1.01 -29.73
C GLY B 38 0.23 0.41 -30.11
N HIS B 39 -0.69 1.32 -29.82
CA HIS B 39 -0.56 2.73 -30.17
C HIS B 39 -1.34 3.53 -29.15
N PHE B 40 -0.62 4.15 -28.22
CA PHE B 40 -1.23 4.81 -27.09
C PHE B 40 -0.88 6.26 -26.99
N LEU B 41 -1.82 7.05 -26.48
CA LEU B 41 -1.64 8.47 -26.22
C LEU B 41 -1.36 8.59 -24.74
N LEU B 42 -0.14 8.99 -24.37
CA LEU B 42 0.26 9.12 -22.97
C LEU B 42 -0.14 10.45 -22.38
N SER B 43 0.01 10.60 -21.04
CA SER B 43 -0.33 11.83 -20.30
C SER B 43 0.57 13.01 -20.66
N SER B 44 1.75 12.72 -21.26
CA SER B 44 2.67 13.75 -21.74
C SER B 44 2.24 14.33 -23.11
N GLY B 45 1.19 13.75 -23.70
CA GLY B 45 0.71 14.12 -25.03
C GLY B 45 1.43 13.37 -26.14
N PHE B 46 2.47 12.60 -25.79
CA PHE B 46 3.26 11.82 -26.76
C PHE B 46 2.57 10.51 -27.05
N HIS B 47 2.83 9.96 -28.24
CA HIS B 47 2.30 8.66 -28.63
C HIS B 47 3.40 7.63 -28.43
N SER B 48 3.00 6.43 -28.04
CA SER B 48 3.95 5.35 -27.81
C SER B 48 3.41 4.03 -28.36
N ASN B 49 4.31 3.09 -28.62
CA ASN B 49 4.00 1.76 -29.12
C ASN B 49 3.71 0.82 -27.94
N TYR B 50 3.97 1.27 -26.72
CA TYR B 50 3.71 0.52 -25.50
C TYR B 50 3.09 1.38 -24.42
N TYR B 51 2.34 0.74 -23.51
CA TYR B 51 1.76 1.36 -22.34
C TYR B 51 1.97 0.46 -21.15
N LEU B 52 2.54 1.06 -20.10
CA LEU B 52 2.86 0.35 -18.88
C LEU B 52 1.98 0.82 -17.74
N GLN B 53 1.22 -0.11 -17.13
CA GLN B 53 0.44 0.15 -15.94
C GLN B 53 1.04 -0.81 -14.91
N SER B 54 2.15 -0.36 -14.33
CA SER B 54 2.96 -1.09 -13.40
C SER B 54 2.21 -1.64 -12.20
N ALA B 55 1.13 -0.95 -11.72
CA ALA B 55 0.33 -1.41 -10.59
C ALA B 55 -0.40 -2.73 -10.85
N LYS B 56 -0.58 -3.09 -12.14
CA LYS B 56 -1.25 -4.32 -12.55
C LYS B 56 -0.54 -5.56 -12.06
N VAL B 57 0.80 -5.56 -12.04
CA VAL B 57 1.53 -6.71 -11.51
C VAL B 57 1.35 -6.88 -9.99
N LEU B 58 1.13 -5.77 -9.26
CA LEU B 58 0.98 -5.78 -7.80
C LEU B 58 -0.46 -6.08 -7.36
N GLU B 59 -1.36 -6.33 -8.34
CA GLU B 59 -2.74 -6.79 -8.07
C GLU B 59 -2.67 -8.26 -7.69
N ASP B 60 -1.65 -8.96 -8.20
CA ASP B 60 -1.44 -10.38 -7.92
C ASP B 60 -0.28 -10.59 -6.90
N PRO B 61 -0.61 -10.87 -5.62
CA PRO B 61 0.47 -11.07 -4.62
C PRO B 61 1.46 -12.18 -4.96
N LYS B 62 1.01 -13.23 -5.69
CA LYS B 62 1.89 -14.35 -6.08
C LYS B 62 2.93 -13.87 -7.06
N LEU B 63 2.51 -13.09 -8.07
CA LEU B 63 3.45 -12.51 -9.05
C LEU B 63 4.39 -11.49 -8.40
N ALA B 64 3.82 -10.58 -7.58
CA ALA B 64 4.56 -9.54 -6.86
C ALA B 64 5.68 -10.17 -6.04
N GLU B 65 5.37 -11.26 -5.31
CA GLU B 65 6.38 -11.95 -4.53
C GLU B 65 7.51 -12.48 -5.44
N GLN B 66 7.14 -13.20 -6.53
CA GLN B 66 8.14 -13.70 -7.48
C GLN B 66 9.06 -12.58 -8.05
N LEU B 67 8.48 -11.43 -8.41
CA LEU B 67 9.26 -10.28 -8.93
C LEU B 67 10.18 -9.69 -7.84
N ALA B 68 9.67 -9.56 -6.61
CA ALA B 68 10.43 -9.07 -5.46
C ALA B 68 11.58 -10.02 -5.12
N LEU B 69 11.35 -11.34 -5.22
CA LEU B 69 12.39 -12.35 -4.95
C LEU B 69 13.50 -12.23 -6.00
N GLU B 70 13.13 -12.03 -7.25
CA GLU B 70 14.05 -11.82 -8.37
C GLU B 70 14.86 -10.51 -8.13
N LEU B 71 14.19 -9.40 -7.70
CA LEU B 71 14.86 -8.13 -7.38
C LEU B 71 15.85 -8.28 -6.21
N ALA B 72 15.42 -8.98 -5.14
CA ALA B 72 16.23 -9.24 -3.95
C ALA B 72 17.56 -9.95 -4.29
N LYS B 73 17.58 -10.89 -5.27
CA LYS B 73 18.80 -11.60 -5.72
C LYS B 73 19.88 -10.60 -6.15
N GLN B 74 19.51 -9.55 -6.89
CA GLN B 74 20.44 -8.53 -7.36
C GLN B 74 20.96 -7.73 -6.18
N ILE B 75 20.07 -7.33 -5.27
CA ILE B 75 20.41 -6.53 -4.10
C ILE B 75 21.38 -7.29 -3.19
N GLN B 76 21.10 -8.56 -2.90
CA GLN B 76 21.94 -9.43 -2.05
C GLN B 76 23.31 -9.69 -2.68
N GLU B 77 23.36 -9.77 -4.04
CA GLU B 77 24.61 -9.94 -4.80
C GLU B 77 25.55 -8.73 -4.57
N ALA B 78 25.01 -7.53 -4.24
CA ALA B 78 25.78 -6.31 -3.97
C ALA B 78 26.35 -6.22 -2.55
N HIS B 79 25.84 -7.05 -1.58
CA HIS B 79 26.30 -7.10 -0.18
C HIS B 79 26.19 -5.72 0.50
N LEU B 80 24.99 -5.10 0.45
CA LEU B 80 24.79 -3.76 0.99
C LEU B 80 24.30 -3.65 2.44
N ASN B 81 23.93 -4.80 3.04
CA ASN B 81 23.47 -4.87 4.44
C ASN B 81 22.28 -3.92 4.74
N ILE B 82 21.25 -3.98 3.87
CA ILE B 82 20.00 -3.22 4.00
C ILE B 82 19.33 -3.66 5.30
N GLU B 83 18.87 -2.69 6.12
CA GLU B 83 18.20 -2.96 7.39
C GLU B 83 16.72 -2.60 7.28
N CYS B 84 16.38 -1.83 6.26
CA CYS B 84 15.05 -1.29 6.10
C CYS B 84 14.76 -0.98 4.64
N VAL B 85 13.51 -1.14 4.21
CA VAL B 85 13.09 -0.71 2.90
C VAL B 85 12.09 0.44 3.15
N CYS B 86 12.25 1.55 2.44
CA CYS B 86 11.27 2.63 2.53
C CYS B 86 10.76 2.96 1.16
N SER B 87 9.49 3.27 1.05
CA SER B 87 8.87 3.65 -0.20
C SER B 87 8.09 4.96 -0.08
N PRO B 88 8.04 5.80 -1.13
CA PRO B 88 7.14 6.95 -1.07
C PRO B 88 5.72 6.48 -1.40
N ALA B 89 4.73 6.88 -0.60
CA ALA B 89 3.34 6.50 -0.85
C ALA B 89 2.86 7.18 -2.16
N ILE B 90 1.86 6.62 -2.88
CA ILE B 90 1.11 5.39 -2.58
C ILE B 90 1.67 4.29 -3.49
N GLY B 91 2.10 4.73 -4.66
CA GLY B 91 2.59 3.95 -5.80
C GLY B 91 3.69 2.96 -5.55
N GLY B 92 4.60 3.30 -4.66
CA GLY B 92 5.73 2.43 -4.38
C GLY B 92 5.56 1.50 -3.20
N ILE B 93 4.43 1.61 -2.44
CA ILE B 93 4.21 0.83 -1.22
C ILE B 93 4.29 -0.68 -1.39
N LEU B 94 3.48 -1.23 -2.31
CA LEU B 94 3.40 -2.68 -2.50
C LEU B 94 4.72 -3.31 -2.95
N ALA B 95 5.41 -2.67 -3.88
CA ALA B 95 6.70 -3.15 -4.38
C ALA B 95 7.73 -3.12 -3.27
N GLY B 96 7.79 -2.02 -2.50
CA GLY B 96 8.73 -1.86 -1.40
C GLY B 96 8.44 -2.83 -0.27
N TYR B 97 7.16 -3.05 -0.02
CA TYR B 97 6.74 -3.97 1.02
C TYR B 97 7.13 -5.41 0.65
N GLU B 98 6.87 -5.81 -0.59
CA GLU B 98 7.20 -7.15 -1.05
C GLU B 98 8.73 -7.34 -1.12
N LEU B 99 9.48 -6.27 -1.40
CA LEU B 99 10.93 -6.31 -1.41
C LEU B 99 11.46 -6.50 0.01
N ALA B 100 10.88 -5.79 0.99
CA ALA B 100 11.26 -5.91 2.41
C ALA B 100 11.02 -7.34 2.88
N ARG B 101 9.88 -7.90 2.46
CA ARG B 101 9.50 -9.28 2.73
C ARG B 101 10.58 -10.25 2.16
N ALA B 102 10.98 -10.06 0.89
CA ALA B 102 12.02 -10.84 0.20
C ALA B 102 13.42 -10.69 0.83
N LEU B 103 13.75 -9.49 1.36
CA LEU B 103 15.04 -9.22 2.01
C LEU B 103 15.07 -9.63 3.49
N GLY B 104 13.91 -9.86 4.07
CA GLY B 104 13.77 -10.23 5.48
C GLY B 104 13.95 -9.05 6.40
N VAL B 105 13.64 -7.83 5.92
CA VAL B 105 13.77 -6.60 6.71
C VAL B 105 12.40 -5.89 6.95
N ARG B 106 12.41 -4.85 7.79
CA ARG B 106 11.23 -4.06 8.07
C ARG B 106 10.91 -3.12 6.88
N PHE B 107 9.66 -2.61 6.86
CA PHE B 107 9.23 -1.73 5.81
C PHE B 107 8.55 -0.50 6.40
N ILE B 108 8.90 0.68 5.88
CA ILE B 108 8.27 1.93 6.28
C ILE B 108 7.92 2.69 5.03
N PHE B 109 7.07 3.71 5.12
CA PHE B 109 6.76 4.51 3.95
C PHE B 109 6.59 5.98 4.30
N THR B 110 6.94 6.87 3.35
CA THR B 110 6.74 8.30 3.52
C THR B 110 5.43 8.68 2.79
N GLU B 111 4.86 9.82 3.13
CA GLU B 111 3.62 10.25 2.48
C GLU B 111 3.57 11.77 2.41
N ARG B 112 2.72 12.31 1.54
CA ARG B 112 2.57 13.75 1.45
C ARG B 112 1.59 14.30 2.48
N VAL B 113 2.09 15.23 3.29
CA VAL B 113 1.36 15.93 4.36
C VAL B 113 1.66 17.42 4.12
N ASP B 114 0.61 18.26 3.98
CA ASP B 114 0.72 19.70 3.71
C ASP B 114 1.53 19.97 2.43
N ASN B 115 1.34 19.10 1.41
CA ASN B 115 2.00 19.14 0.09
C ASN B 115 3.55 18.94 0.20
N THR B 116 4.01 18.19 1.23
CA THR B 116 5.42 17.94 1.46
C THR B 116 5.58 16.50 1.89
N MET B 117 6.60 15.81 1.35
CA MET B 117 6.94 14.43 1.71
C MET B 117 7.34 14.41 3.19
N ALA B 118 6.76 13.49 3.99
CA ALA B 118 7.05 13.36 5.42
C ALA B 118 6.93 11.92 5.90
N LEU B 119 7.55 11.59 7.05
CA LEU B 119 7.44 10.27 7.67
C LEU B 119 6.44 10.41 8.83
N ARG B 120 5.31 9.71 8.74
CA ARG B 120 4.27 9.77 9.77
C ARG B 120 4.00 8.36 10.31
N ARG B 121 2.76 8.07 10.78
CA ARG B 121 2.27 6.77 11.25
C ARG B 121 3.03 6.19 12.45
N GLY B 122 3.83 7.03 13.10
CA GLY B 122 4.67 6.58 14.20
C GLY B 122 5.92 5.88 13.70
N PHE B 123 6.20 5.94 12.37
CA PHE B 123 7.42 5.34 11.81
C PHE B 123 8.62 6.11 12.31
N GLU B 124 9.65 5.39 12.71
CA GLU B 124 10.89 6.00 13.18
C GLU B 124 12.06 5.33 12.48
N VAL B 125 13.16 6.09 12.38
CA VAL B 125 14.40 5.69 11.76
C VAL B 125 15.48 5.70 12.83
N LYS B 126 16.32 4.66 12.83
CA LYS B 126 17.44 4.53 13.75
C LYS B 126 18.59 5.30 13.12
N LYS B 127 19.42 6.02 13.92
CA LYS B 127 20.57 6.76 13.37
C LYS B 127 21.45 5.77 12.62
N ASN B 128 21.85 6.16 11.40
CA ASN B 128 22.72 5.39 10.50
C ASN B 128 22.09 4.11 9.99
N GLU B 129 20.76 3.97 10.10
CA GLU B 129 20.04 2.80 9.58
C GLU B 129 20.25 2.77 8.10
N LYS B 130 20.64 1.60 7.59
CA LYS B 130 20.91 1.36 6.17
C LYS B 130 19.60 1.10 5.44
N ILE B 131 19.15 2.08 4.65
CA ILE B 131 17.87 2.02 3.99
C ILE B 131 17.96 1.97 2.47
N LEU B 132 17.16 1.09 1.86
CA LEU B 132 16.99 1.05 0.41
C LEU B 132 15.63 1.74 0.16
N VAL B 133 15.61 2.74 -0.73
CA VAL B 133 14.39 3.47 -1.11
C VAL B 133 13.81 2.76 -2.36
N CYS B 134 12.64 2.17 -2.22
CA CYS B 134 12.04 1.37 -3.29
C CYS B 134 10.80 2.01 -3.90
N GLU B 135 10.68 1.86 -5.21
CA GLU B 135 9.53 2.29 -5.98
C GLU B 135 8.94 1.11 -6.75
N ASP B 136 7.74 1.26 -7.28
CA ASP B 136 7.16 0.26 -8.16
C ASP B 136 7.88 0.43 -9.52
N ILE B 137 7.96 1.69 -9.97
CA ILE B 137 8.60 2.11 -11.22
C ILE B 137 9.36 3.43 -11.02
N ILE B 138 10.59 3.51 -11.53
CA ILE B 138 11.38 4.73 -11.48
C ILE B 138 11.33 5.31 -12.89
N THR B 139 10.95 6.58 -12.98
CA THR B 139 10.96 7.37 -14.20
C THR B 139 12.14 8.33 -13.99
N THR B 140 11.91 9.51 -13.39
CA THR B 140 12.99 10.50 -13.12
C THR B 140 13.70 10.22 -11.79
N GLY B 141 13.00 9.58 -10.85
CA GLY B 141 13.52 9.31 -9.51
C GLY B 141 13.23 10.45 -8.53
N LYS B 142 12.40 11.43 -8.95
CA LYS B 142 12.02 12.61 -8.18
C LYS B 142 11.37 12.27 -6.82
N SER B 143 10.30 11.45 -6.82
CA SER B 143 9.61 11.05 -5.59
C SER B 143 10.53 10.24 -4.66
N ALA B 144 11.38 9.35 -5.25
CA ALA B 144 12.36 8.52 -4.52
C ALA B 144 13.36 9.42 -3.80
N MET B 145 13.75 10.52 -4.46
CA MET B 145 14.68 11.52 -3.93
C MET B 145 14.07 12.31 -2.79
N GLU B 146 12.78 12.68 -2.91
CA GLU B 146 12.06 13.38 -1.84
C GLU B 146 11.95 12.45 -0.63
N CYS B 147 11.70 11.16 -0.88
CA CYS B 147 11.65 10.15 0.17
C CYS B 147 13.00 10.05 0.88
N ALA B 148 14.10 9.90 0.12
CA ALA B 148 15.47 9.76 0.63
C ALA B 148 15.91 10.97 1.48
N LYS B 149 15.51 12.20 1.08
CA LYS B 149 15.84 13.43 1.80
C LYS B 149 15.19 13.42 3.19
N VAL B 150 13.91 13.00 3.26
CA VAL B 150 13.19 12.90 4.53
C VAL B 150 13.95 11.97 5.49
N LEU B 151 14.36 10.79 4.98
CA LEU B 151 15.07 9.79 5.74
C LEU B 151 16.47 10.23 6.19
N GLU B 152 17.23 10.89 5.29
CA GLU B 152 18.57 11.39 5.58
C GLU B 152 18.55 12.43 6.70
N GLU B 153 17.53 13.32 6.70
CA GLU B 153 17.33 14.37 7.70
C GLU B 153 17.02 13.77 9.08
N LYS B 154 16.54 12.51 9.09
CA LYS B 154 16.25 11.74 10.29
C LYS B 154 17.45 10.90 10.75
N GLY B 155 18.57 11.00 10.04
CA GLY B 155 19.81 10.32 10.37
C GLY B 155 20.12 9.03 9.64
N ALA B 156 19.22 8.59 8.75
CA ALA B 156 19.40 7.35 8.00
C ALA B 156 20.49 7.45 6.93
N GLN B 157 21.09 6.30 6.59
CA GLN B 157 22.04 6.20 5.51
C GLN B 157 21.32 5.52 4.33
N ILE B 158 21.20 6.25 3.20
CA ILE B 158 20.59 5.71 1.98
C ILE B 158 21.69 4.94 1.26
N VAL B 159 21.54 3.62 1.15
CA VAL B 159 22.57 2.79 0.52
C VAL B 159 22.25 2.42 -0.93
N ALA B 160 20.97 2.49 -1.31
CA ALA B 160 20.53 2.10 -2.65
C ALA B 160 19.11 2.53 -2.91
N PHE B 161 18.72 2.41 -4.17
CA PHE B 161 17.40 2.63 -4.69
C PHE B 161 17.02 1.35 -5.39
N GLY B 162 15.75 1.06 -5.35
CA GLY B 162 15.22 -0.13 -6.01
C GLY B 162 13.90 0.18 -6.67
N ALA B 163 13.56 -0.63 -7.67
CA ALA B 163 12.28 -0.57 -8.38
C ALA B 163 12.09 -1.86 -9.10
N LEU B 164 10.85 -2.24 -9.37
CA LEU B 164 10.63 -3.42 -10.18
C LEU B 164 11.00 -3.08 -11.63
N ALA B 165 10.58 -1.92 -12.10
CA ALA B 165 10.82 -1.46 -13.47
C ALA B 165 11.50 -0.10 -13.51
N ASN B 166 12.35 0.12 -14.52
CA ASN B 166 13.03 1.39 -14.75
C ASN B 166 12.64 1.89 -16.15
N ARG B 167 12.51 3.21 -16.37
CA ARG B 167 12.15 3.75 -17.70
C ARG B 167 13.37 4.19 -18.54
N GLY B 168 14.59 3.85 -18.09
CA GLY B 168 15.81 4.21 -18.83
C GLY B 168 16.21 5.69 -18.78
N ILE B 169 15.70 6.44 -17.79
CA ILE B 169 16.01 7.85 -17.55
C ILE B 169 17.15 7.85 -16.54
N CYS B 170 16.97 7.10 -15.43
CA CYS B 170 17.99 6.87 -14.42
C CYS B 170 18.71 5.61 -14.87
N LYS B 171 20.02 5.52 -14.58
CA LYS B 171 20.75 4.31 -14.93
C LYS B 171 20.59 3.27 -13.82
N ARG B 172 20.17 2.04 -14.17
CA ARG B 172 20.13 1.00 -13.15
C ARG B 172 21.46 0.23 -13.22
N ALA B 173 21.82 -0.49 -12.15
CA ALA B 173 23.01 -1.32 -12.11
C ALA B 173 22.84 -2.51 -13.11
N HIS B 174 23.96 -3.05 -13.63
CA HIS B 174 23.96 -4.18 -14.58
C HIS B 174 23.36 -3.87 -15.96
N SER B 175 23.15 -2.60 -16.30
CA SER B 175 22.62 -2.28 -17.63
C SER B 175 23.65 -1.49 -18.47
N HIS B 176 23.55 -1.57 -19.80
CA HIS B 176 24.44 -0.85 -20.70
C HIS B 176 23.85 0.49 -21.15
N LEU B 177 22.73 0.91 -20.53
CA LEU B 177 22.10 2.17 -20.85
C LEU B 177 22.74 3.30 -20.03
N LYS B 178 22.63 4.53 -20.52
CA LYS B 178 23.19 5.70 -19.84
C LYS B 178 22.08 6.51 -19.23
N ALA B 179 22.36 7.22 -18.13
CA ALA B 179 21.38 8.09 -17.51
C ALA B 179 21.08 9.26 -18.47
N GLN B 180 19.82 9.71 -18.51
CA GLN B 180 19.36 10.77 -19.40
C GLN B 180 19.12 12.08 -18.66
N GLU B 181 18.75 13.13 -19.41
CA GLU B 181 18.53 14.50 -18.91
C GLU B 181 17.75 14.76 -17.58
N GLY B 182 16.54 14.25 -17.44
CA GLY B 182 15.72 14.48 -16.25
C GLY B 182 15.98 13.54 -15.08
N ALA B 183 17.06 12.73 -15.12
CA ALA B 183 17.42 11.80 -14.04
C ALA B 183 17.68 12.58 -12.73
N CYS B 184 17.04 12.16 -11.63
CA CYS B 184 17.16 12.82 -10.32
C CYS B 184 17.96 12.01 -9.32
N LEU B 185 18.19 10.71 -9.59
CA LEU B 185 18.91 9.85 -8.66
C LEU B 185 20.40 10.16 -8.64
N PRO B 186 21.11 10.02 -7.49
CA PRO B 186 22.54 10.37 -7.48
C PRO B 186 23.38 9.32 -8.19
N SER B 187 24.52 9.75 -8.72
CA SER B 187 25.45 8.90 -9.45
C SER B 187 26.26 7.94 -8.55
N HIS B 188 26.39 8.26 -7.25
CA HIS B 188 27.20 7.47 -6.32
C HIS B 188 26.46 6.33 -5.64
N LEU B 189 25.14 6.29 -5.79
CA LEU B 189 24.34 5.24 -5.17
C LEU B 189 23.73 4.33 -6.24
N PRO B 190 23.71 3.00 -6.02
CA PRO B 190 23.14 2.12 -7.06
C PRO B 190 21.61 2.10 -7.09
N LEU B 191 21.08 1.90 -8.30
CA LEU B 191 19.67 1.67 -8.51
C LEU B 191 19.54 0.25 -9.03
N PHE B 192 18.76 -0.57 -8.36
CA PHE B 192 18.52 -1.94 -8.78
C PHE B 192 17.10 -2.05 -9.27
N ALA B 193 16.93 -2.49 -10.52
CA ALA B 193 15.60 -2.74 -11.08
C ALA B 193 15.68 -4.04 -11.90
N LEU B 194 14.51 -4.63 -12.21
CA LEU B 194 14.47 -5.87 -12.98
C LEU B 194 14.69 -5.70 -14.47
N GLU B 195 14.26 -4.57 -15.01
CA GLU B 195 14.29 -4.33 -16.43
C GLU B 195 14.19 -2.85 -16.72
N ASP B 196 14.62 -2.44 -17.94
CA ASP B 196 14.48 -1.09 -18.47
C ASP B 196 13.38 -1.16 -19.50
N PHE B 197 12.30 -0.41 -19.28
CA PHE B 197 11.17 -0.37 -20.19
C PHE B 197 11.32 0.93 -20.93
N VAL B 198 12.00 0.89 -22.06
CA VAL B 198 12.30 2.07 -22.87
C VAL B 198 11.57 1.90 -24.20
N PHE B 199 10.54 2.71 -24.42
CA PHE B 199 9.72 2.63 -25.63
C PHE B 199 9.79 3.87 -26.51
N ASP B 200 9.25 3.75 -27.75
CA ASP B 200 9.21 4.80 -28.75
C ASP B 200 8.29 5.89 -28.28
N MET B 201 8.74 7.13 -28.39
CA MET B 201 8.00 8.32 -27.96
C MET B 201 7.89 9.19 -29.21
N HIS B 202 6.68 9.40 -29.70
CA HIS B 202 6.53 10.22 -30.91
C HIS B 202 5.69 11.42 -30.60
N LYS B 203 6.07 12.54 -31.23
CA LYS B 203 5.31 13.79 -31.17
C LYS B 203 3.98 13.47 -31.86
N PRO B 204 2.83 13.88 -31.30
CA PRO B 204 1.52 13.47 -31.86
C PRO B 204 1.27 13.85 -33.31
N SER B 205 1.89 14.92 -33.82
CA SER B 205 1.74 15.34 -35.24
C SER B 205 2.82 14.73 -36.14
N SER B 206 3.73 13.90 -35.55
CA SER B 206 4.86 13.27 -36.28
C SER B 206 4.99 11.80 -35.84
N CYS B 207 3.84 11.15 -35.72
CA CYS B 207 3.75 9.79 -35.24
C CYS B 207 3.58 8.80 -36.40
N PRO B 208 4.58 7.89 -36.61
CA PRO B 208 4.45 6.89 -37.70
C PRO B 208 3.32 5.87 -37.48
N LEU B 209 2.92 5.63 -36.21
CA LEU B 209 1.84 4.69 -35.90
C LEU B 209 0.47 5.26 -36.32
N CYS B 210 0.30 6.59 -36.31
CA CYS B 210 -0.93 7.30 -36.68
C CYS B 210 -1.39 7.04 -38.12
N ALA B 211 -0.46 6.61 -39.00
CA ALA B 211 -0.74 6.24 -40.40
C ALA B 211 -1.64 4.98 -40.49
N THR B 212 -1.47 4.04 -39.53
CA THR B 212 -2.16 2.75 -39.52
C THR B 212 -3.25 2.56 -38.47
N SER B 213 -3.23 3.34 -37.36
CA SER B 213 -4.21 3.20 -36.27
C SER B 213 -4.44 4.49 -35.50
N VAL B 214 -5.51 4.51 -34.67
CA VAL B 214 -5.86 5.65 -33.81
C VAL B 214 -5.17 5.44 -32.45
N ALA B 215 -4.52 6.48 -31.92
CA ALA B 215 -3.85 6.44 -30.62
C ALA B 215 -4.89 6.15 -29.51
N ILE B 216 -4.66 5.11 -28.71
CA ILE B 216 -5.57 4.70 -27.62
C ILE B 216 -5.23 5.46 -26.33
N LYS B 217 -6.24 6.06 -25.68
CA LYS B 217 -6.00 6.69 -24.38
C LYS B 217 -6.27 5.61 -23.33
N PRO B 218 -5.28 5.09 -22.59
CA PRO B 218 -5.57 4.00 -21.64
C PRO B 218 -5.95 4.47 -20.24
ZN ZN C . -11.15 14.37 27.46
P PO4 D . -12.72 3.25 9.29
O1 PO4 D . -13.16 4.72 8.95
O2 PO4 D . -11.16 3.29 9.48
O3 PO4 D . -13.09 2.26 8.13
O4 PO4 D . -13.33 2.81 10.62
ZN ZN E . 0.26 8.19 -33.10
P PO4 F . 9.80 8.50 -9.65
O1 PO4 F . 9.35 10.03 -9.64
O2 PO4 F . 10.63 8.18 -10.87
O3 PO4 F . 8.49 7.56 -9.71
O4 PO4 F . 10.56 8.18 -8.27
S SCN G . 10.44 -9.14 6.48
C SCN G . 10.36 -10.69 5.93
N SCN G . 10.44 -11.72 5.43
#